data_1B0R
#
_entry.id   1B0R
#
_cell.length_a   49.600
_cell.length_b   74.400
_cell.length_c   121.400
_cell.angle_alpha   90.00
_cell.angle_beta   90.00
_cell.angle_gamma   90.00
#
_symmetry.space_group_name_H-M   'P 21 21 21'
#
loop_
_entity.id
_entity.type
_entity.pdbx_description
1 polymer 'PROTEIN (HLA-A*0201)'
2 polymer 'PROTEIN (HLA-A*0201)'
3 polymer 'PROTEIN (INFLUENZA MATRIX PEPTIDE)'
#
loop_
_entity_poly.entity_id
_entity_poly.type
_entity_poly.pdbx_seq_one_letter_code
_entity_poly.pdbx_strand_id
1 'polypeptide(L)'
;GSHSMRYFFTSVSRPGRGEPRFIAVGYVDDTQFVRFDSDAASQRMEPRAPWIEQEGPEYWDGETRKVKAHSQTHRVDLGT
LRGYYNQSEAGSHTVQRMYGCDVGSDWRFLRGYHQYAYDGKDYIALKEDLRSWTAADMAAQTTKHKWEAAHVAEQLRAYL
EGTCVEWLRRYLENGKETLQRTDAPKTHMTHHAVSDHEATLRCWALSFYPAEITLTWQRDGEDQTQDTELVETRPAGDGT
FQKWAAVVVPSGQEQRYTCHVQHEGLPKPLTLRWE
;
A
2 'polypeptide(L)'
;MIQRTPKIQVYSRHPAENGKSNFLNCYVSGFHPSDIEVDLLKNGERIEKVEHSDLSFSKDWSFYLLYYTEFTPTEKDEYA
CRVNHVTLSQPKIVKWDRDM
;
B
3 'polypeptide(L)' GILGFVFT(CDE) C
#
# COMPACT_ATOMS: atom_id res chain seq x y z
N GLY A 1 -3.15 -8.89 13.39
CA GLY A 1 -2.57 -10.24 13.59
C GLY A 1 -3.62 -11.31 13.78
N SER A 2 -4.63 -11.26 12.91
CA SER A 2 -5.74 -12.21 12.90
C SER A 2 -6.09 -12.24 11.40
N HIS A 3 -6.95 -11.32 10.95
CA HIS A 3 -7.36 -11.22 9.54
C HIS A 3 -8.26 -10.00 9.29
N SER A 4 -8.32 -9.53 8.04
CA SER A 4 -9.13 -8.37 7.63
C SER A 4 -9.34 -8.28 6.12
N MET A 5 -10.27 -7.42 5.72
CA MET A 5 -10.58 -7.14 4.32
C MET A 5 -10.88 -5.65 4.26
N ARG A 6 -10.13 -4.93 3.43
CA ARG A 6 -10.31 -3.50 3.31
C ARG A 6 -10.27 -3.06 1.86
N TYR A 7 -11.18 -2.17 1.48
CA TYR A 7 -11.19 -1.64 0.12
C TYR A 7 -10.67 -0.20 0.16
N PHE A 8 -9.99 0.21 -0.91
CA PHE A 8 -9.40 1.55 -1.02
C PHE A 8 -9.81 2.20 -2.34
N PHE A 9 -10.38 3.38 -2.22
CA PHE A 9 -10.88 4.15 -3.35
C PHE A 9 -10.17 5.49 -3.43
N THR A 10 -9.77 5.88 -4.64
CA THR A 10 -9.07 7.13 -4.87
C THR A 10 -9.63 7.71 -6.16
N SER A 11 -10.14 8.93 -6.07
CA SER A 11 -10.71 9.61 -7.23
C SER A 11 -10.05 10.96 -7.31
N VAL A 12 -9.39 11.20 -8.44
CA VAL A 12 -8.65 12.43 -8.66
C VAL A 12 -9.26 13.21 -9.80
N SER A 13 -9.51 14.50 -9.55
CA SER A 13 -10.11 15.41 -10.53
C SER A 13 -9.10 15.81 -11.59
N ARG A 14 -9.40 15.52 -12.85
CA ARG A 14 -8.51 15.90 -13.94
C ARG A 14 -9.26 17.01 -14.67
N PRO A 15 -9.02 18.26 -14.25
CA PRO A 15 -9.67 19.47 -14.82
C PRO A 15 -9.38 19.77 -16.28
N GLY A 16 -10.44 19.70 -17.09
CA GLY A 16 -10.29 19.98 -18.50
C GLY A 16 -9.91 18.78 -19.36
N ARG A 17 -9.41 17.71 -18.75
CA ARG A 17 -9.04 16.52 -19.51
C ARG A 17 -9.90 15.37 -19.04
N GLY A 18 -11.18 15.50 -19.32
CA GLY A 18 -12.10 14.47 -18.95
C GLY A 18 -12.52 14.39 -17.52
N GLU A 19 -13.15 13.25 -17.29
CA GLU A 19 -13.71 12.88 -16.04
C GLU A 19 -12.63 12.55 -15.03
N PRO A 20 -12.95 12.47 -13.74
CA PRO A 20 -11.87 12.14 -12.82
C PRO A 20 -11.29 10.72 -13.01
N ARG A 21 -10.30 10.38 -12.20
CA ARG A 21 -9.64 9.07 -12.18
C ARG A 21 -10.22 8.34 -10.94
N PHE A 22 -10.45 7.04 -11.01
CA PHE A 22 -11.02 6.28 -9.89
C PHE A 22 -10.35 4.94 -9.90
N ILE A 23 -9.91 4.50 -8.73
CA ILE A 23 -9.24 3.21 -8.62
C ILE A 23 -9.79 2.59 -7.34
N ALA A 24 -10.38 1.41 -7.48
CA ALA A 24 -10.94 0.68 -6.36
C ALA A 24 -10.21 -0.60 -6.41
N VAL A 25 -9.47 -0.90 -5.37
CA VAL A 25 -8.71 -2.16 -5.28
C VAL A 25 -9.08 -2.75 -3.96
N GLY A 26 -9.27 -4.06 -3.96
CA GLY A 26 -9.63 -4.72 -2.73
C GLY A 26 -8.53 -5.58 -2.16
N TYR A 27 -8.36 -5.51 -0.86
CA TYR A 27 -7.34 -6.26 -0.18
C TYR A 27 -7.87 -7.20 0.89
N VAL A 28 -7.31 -8.40 0.97
CA VAL A 28 -7.65 -9.34 2.02
C VAL A 28 -6.27 -9.51 2.68
N ASP A 29 -6.14 -9.08 3.93
CA ASP A 29 -4.83 -9.12 4.59
C ASP A 29 -3.86 -8.33 3.71
N ASP A 30 -2.68 -8.87 3.47
CA ASP A 30 -1.70 -8.22 2.62
C ASP A 30 -1.81 -8.79 1.21
N THR A 31 -3.03 -9.11 0.77
CA THR A 31 -3.16 -9.68 -0.56
C THR A 31 -4.25 -9.02 -1.38
N GLN A 32 -3.85 -8.40 -2.48
CA GLN A 32 -4.79 -7.74 -3.37
C GLN A 32 -5.60 -8.80 -4.11
N PHE A 33 -6.91 -8.59 -4.22
CA PHE A 33 -7.78 -9.55 -4.92
C PHE A 33 -8.63 -9.03 -6.06
N VAL A 34 -8.94 -7.74 -6.09
CA VAL A 34 -9.72 -7.15 -7.19
C VAL A 34 -9.35 -5.70 -7.42
N ARG A 35 -9.72 -5.13 -8.57
CA ARG A 35 -9.43 -3.72 -8.84
C ARG A 35 -10.34 -3.15 -9.91
N PHE A 36 -10.35 -1.82 -10.00
CA PHE A 36 -11.14 -1.13 -11.02
C PHE A 36 -10.33 0.10 -11.34
N ASP A 37 -10.25 0.45 -12.62
CA ASP A 37 -9.48 1.61 -13.02
C ASP A 37 -10.31 2.41 -13.98
N SER A 38 -10.54 3.67 -13.63
CA SER A 38 -11.28 4.63 -14.41
C SER A 38 -10.96 4.44 -15.89
N ASP A 39 -9.68 4.52 -16.19
CA ASP A 39 -9.21 4.44 -17.56
C ASP A 39 -8.69 3.10 -18.06
N ALA A 40 -9.42 2.04 -17.76
CA ALA A 40 -9.03 0.72 -18.21
C ALA A 40 -9.87 0.42 -19.44
N ALA A 41 -9.54 -0.68 -20.13
CA ALA A 41 -10.28 -1.06 -21.33
C ALA A 41 -11.44 -1.99 -21.01
N SER A 42 -11.34 -2.72 -19.91
CA SER A 42 -12.39 -3.65 -19.54
C SER A 42 -13.59 -3.01 -18.88
N GLN A 43 -13.34 -1.97 -18.09
CA GLN A 43 -14.38 -1.27 -17.37
C GLN A 43 -15.28 -2.21 -16.54
N ARG A 44 -14.67 -3.23 -15.95
CA ARG A 44 -15.40 -4.19 -15.11
C ARG A 44 -14.49 -4.41 -13.94
N MET A 45 -14.97 -5.03 -12.87
CA MET A 45 -14.11 -5.32 -11.72
C MET A 45 -13.22 -6.49 -12.18
N GLU A 46 -11.91 -6.32 -12.09
CA GLU A 46 -10.99 -7.36 -12.51
C GLU A 46 -10.42 -8.13 -11.35
N PRO A 47 -10.09 -9.42 -11.56
CA PRO A 47 -9.53 -10.32 -10.56
C PRO A 47 -8.04 -10.02 -10.49
N ARG A 48 -7.46 -10.05 -9.29
CA ARG A 48 -6.04 -9.81 -9.17
C ARG A 48 -5.44 -10.88 -8.26
N ALA A 49 -6.26 -11.89 -7.97
CA ALA A 49 -5.89 -13.04 -7.14
C ALA A 49 -6.69 -14.26 -7.67
N PRO A 50 -6.03 -15.42 -7.84
CA PRO A 50 -6.67 -16.64 -8.34
C PRO A 50 -7.85 -17.17 -7.55
N TRP A 51 -7.81 -17.04 -6.23
CA TRP A 51 -8.92 -17.52 -5.44
C TRP A 51 -10.17 -16.73 -5.73
N ILE A 52 -10.04 -15.62 -6.44
CA ILE A 52 -11.17 -14.77 -6.77
C ILE A 52 -11.64 -15.08 -8.20
N GLU A 53 -10.74 -15.65 -9.01
CA GLU A 53 -11.09 -15.96 -10.38
C GLU A 53 -12.28 -16.88 -10.49
N GLN A 54 -12.39 -17.76 -9.51
CA GLN A 54 -13.47 -18.75 -9.47
C GLN A 54 -14.89 -18.18 -9.39
N GLU A 55 -15.03 -16.94 -8.93
CA GLU A 55 -16.34 -16.31 -8.78
C GLU A 55 -17.13 -16.20 -10.09
N GLY A 56 -18.39 -16.60 -10.01
CA GLY A 56 -19.26 -16.56 -11.17
C GLY A 56 -19.45 -15.19 -11.78
N PRO A 57 -20.05 -15.13 -12.98
CA PRO A 57 -20.29 -13.87 -13.69
C PRO A 57 -21.13 -12.98 -12.82
N GLU A 58 -22.23 -13.53 -12.29
CA GLU A 58 -23.14 -12.79 -11.44
C GLU A 58 -22.44 -11.98 -10.33
N TYR A 59 -21.28 -12.48 -9.89
CA TYR A 59 -20.48 -11.78 -8.89
C TYR A 59 -19.78 -10.62 -9.58
N TRP A 60 -18.95 -10.93 -10.57
CA TRP A 60 -18.22 -9.94 -11.32
C TRP A 60 -19.12 -8.84 -11.88
N ASP A 61 -20.28 -9.23 -12.41
CA ASP A 61 -21.26 -8.27 -12.93
C ASP A 61 -21.65 -7.46 -11.70
N GLY A 62 -21.81 -8.15 -10.56
CA GLY A 62 -22.20 -7.53 -9.31
C GLY A 62 -21.27 -6.43 -8.81
N GLU A 63 -20.01 -6.79 -8.58
CA GLU A 63 -19.01 -5.84 -8.11
C GLU A 63 -18.77 -4.74 -9.13
N THR A 64 -18.76 -5.07 -10.42
CA THR A 64 -18.57 -4.08 -11.45
C THR A 64 -19.67 -3.06 -11.32
N ARG A 65 -20.89 -3.55 -11.11
CA ARG A 65 -22.09 -2.73 -10.95
C ARG A 65 -21.84 -1.79 -9.76
N LYS A 66 -21.69 -2.38 -8.58
CA LYS A 66 -21.43 -1.63 -7.36
C LYS A 66 -20.21 -0.71 -7.44
N VAL A 67 -19.15 -1.14 -8.12
CA VAL A 67 -17.94 -0.33 -8.21
C VAL A 67 -18.17 0.98 -8.95
N LYS A 68 -18.89 0.92 -10.06
CA LYS A 68 -19.14 2.16 -10.79
C LYS A 68 -20.08 3.08 -10.06
N ALA A 69 -20.93 2.54 -9.19
CA ALA A 69 -21.83 3.40 -8.43
C ALA A 69 -20.88 4.21 -7.51
N HIS A 70 -19.85 3.50 -7.01
CA HIS A 70 -18.83 4.08 -6.13
C HIS A 70 -18.15 5.18 -6.91
N SER A 71 -18.08 5.00 -8.22
CA SER A 71 -17.46 6.01 -9.08
C SER A 71 -18.29 7.25 -9.20
N GLN A 72 -19.54 7.09 -9.63
CA GLN A 72 -20.44 8.22 -9.77
C GLN A 72 -20.38 8.97 -8.44
N THR A 73 -20.55 8.23 -7.34
CA THR A 73 -20.52 8.82 -6.00
C THR A 73 -19.27 9.67 -5.79
N HIS A 74 -18.11 9.09 -6.11
CA HIS A 74 -16.87 9.81 -5.90
C HIS A 74 -16.61 11.00 -6.80
N ARG A 75 -17.27 11.10 -7.95
CA ARG A 75 -17.07 12.28 -8.79
C ARG A 75 -18.00 13.42 -8.31
N VAL A 76 -19.13 13.02 -7.71
CA VAL A 76 -20.07 13.95 -7.14
C VAL A 76 -19.38 14.59 -5.94
N ASP A 77 -18.76 13.75 -5.11
CA ASP A 77 -18.06 14.20 -3.91
C ASP A 77 -17.03 15.29 -4.18
N LEU A 78 -16.19 15.07 -5.18
CA LEU A 78 -15.15 16.00 -5.55
C LEU A 78 -15.77 17.34 -5.85
N GLY A 79 -16.79 17.31 -6.70
CA GLY A 79 -17.45 18.55 -7.03
C GLY A 79 -17.96 19.20 -5.75
N THR A 80 -18.63 18.43 -4.91
CA THR A 80 -19.19 18.93 -3.66
C THR A 80 -18.09 19.43 -2.73
N LEU A 81 -16.98 18.72 -2.69
CA LEU A 81 -15.90 19.12 -1.81
C LEU A 81 -15.23 20.40 -2.31
N ARG A 82 -15.28 20.64 -3.61
CA ARG A 82 -14.68 21.87 -4.11
C ARG A 82 -15.52 23.08 -3.67
N GLY A 83 -16.83 22.88 -3.61
CA GLY A 83 -17.76 23.92 -3.23
C GLY A 83 -17.56 24.35 -1.79
N TYR A 84 -17.51 23.38 -0.89
CA TYR A 84 -17.31 23.63 0.53
C TYR A 84 -16.09 24.51 0.71
N TYR A 85 -14.97 24.10 0.11
CA TYR A 85 -13.73 24.87 0.25
C TYR A 85 -13.56 26.06 -0.70
N ASN A 86 -14.55 26.29 -1.55
CA ASN A 86 -14.56 27.37 -2.55
C ASN A 86 -13.28 27.35 -3.34
N GLN A 87 -13.05 26.25 -4.02
CA GLN A 87 -11.82 26.08 -4.79
C GLN A 87 -12.10 26.25 -6.27
N SER A 88 -11.12 26.73 -7.00
CA SER A 88 -11.34 26.94 -8.41
C SER A 88 -11.36 25.62 -9.17
N GLU A 89 -12.23 25.54 -10.17
CA GLU A 89 -12.32 24.34 -11.01
C GLU A 89 -10.94 24.07 -11.65
N ALA A 90 -10.05 25.04 -11.56
CA ALA A 90 -8.75 24.92 -12.17
C ALA A 90 -7.94 23.74 -11.66
N GLY A 91 -7.53 23.82 -10.40
CA GLY A 91 -6.71 22.78 -9.81
C GLY A 91 -7.30 21.41 -9.63
N SER A 92 -6.42 20.45 -9.43
CA SER A 92 -6.83 19.07 -9.23
C SER A 92 -6.94 18.82 -7.73
N HIS A 93 -7.75 17.84 -7.34
CA HIS A 93 -7.93 17.52 -5.92
C HIS A 93 -8.18 16.02 -5.79
N THR A 94 -7.87 15.45 -4.63
CA THR A 94 -8.01 14.02 -4.42
C THR A 94 -8.98 13.60 -3.33
N VAL A 95 -9.75 12.56 -3.64
CA VAL A 95 -10.70 11.98 -2.70
C VAL A 95 -10.29 10.52 -2.48
N GLN A 96 -10.23 10.11 -1.21
CA GLN A 96 -9.86 8.74 -0.88
C GLN A 96 -10.81 8.29 0.20
N ARG A 97 -11.27 7.04 0.09
CA ARG A 97 -12.18 6.44 1.05
C ARG A 97 -11.64 5.03 1.27
N MET A 98 -11.88 4.45 2.44
CA MET A 98 -11.38 3.12 2.73
C MET A 98 -12.28 2.58 3.80
N TYR A 99 -12.75 1.35 3.63
CA TYR A 99 -13.63 0.77 4.62
C TYR A 99 -13.45 -0.74 4.59
N GLY A 100 -13.91 -1.41 5.62
CA GLY A 100 -13.80 -2.85 5.64
C GLY A 100 -13.92 -3.35 7.06
N CYS A 101 -13.72 -4.64 7.27
CA CYS A 101 -13.83 -5.23 8.59
C CYS A 101 -12.60 -6.03 9.00
N ASP A 102 -12.40 -6.09 10.31
CA ASP A 102 -11.33 -6.82 10.95
C ASP A 102 -11.99 -8.02 11.59
N VAL A 103 -11.31 -9.17 11.53
CA VAL A 103 -11.82 -10.42 12.08
C VAL A 103 -10.72 -11.10 12.89
N GLY A 104 -11.07 -11.57 14.09
CA GLY A 104 -10.11 -12.20 14.98
C GLY A 104 -9.56 -13.53 14.53
N SER A 105 -8.93 -14.27 15.45
CA SER A 105 -8.35 -15.58 15.15
C SER A 105 -9.50 -16.52 14.84
N ASP A 106 -10.56 -16.40 15.62
CA ASP A 106 -11.78 -17.12 15.32
C ASP A 106 -12.19 -16.14 14.21
N TRP A 107 -12.93 -16.54 13.20
CA TRP A 107 -13.24 -15.53 12.21
C TRP A 107 -14.45 -14.68 12.60
N ARG A 108 -14.37 -14.08 13.79
CA ARG A 108 -15.44 -13.27 14.32
C ARG A 108 -15.03 -11.81 14.31
N PHE A 109 -16.03 -10.97 14.04
CA PHE A 109 -15.86 -9.53 13.96
C PHE A 109 -14.95 -8.95 15.04
N LEU A 110 -14.26 -7.88 14.71
CA LEU A 110 -13.35 -7.21 15.64
C LEU A 110 -13.47 -5.70 15.54
N ARG A 111 -13.52 -5.21 14.31
CA ARG A 111 -13.64 -3.78 14.04
C ARG A 111 -14.19 -3.52 12.64
N GLY A 112 -14.42 -2.25 12.37
CA GLY A 112 -14.93 -1.79 11.10
C GLY A 112 -14.52 -0.33 11.01
N TYR A 113 -14.36 0.17 9.80
CA TYR A 113 -13.97 1.56 9.66
C TYR A 113 -14.38 2.00 8.31
N HIS A 114 -14.86 3.23 8.25
CA HIS A 114 -15.24 3.82 7.00
C HIS A 114 -14.19 4.86 6.81
N GLN A 115 -14.50 6.14 7.01
CA GLN A 115 -13.50 7.18 6.85
C GLN A 115 -13.12 7.52 5.43
N TYR A 116 -13.07 8.82 5.23
CA TYR A 116 -12.83 9.47 3.96
C TYR A 116 -11.80 10.59 4.21
N ALA A 117 -11.11 11.02 3.16
CA ALA A 117 -10.12 12.08 3.28
C ALA A 117 -10.07 12.93 2.02
N TYR A 118 -9.85 14.23 2.20
CA TYR A 118 -9.77 15.15 1.08
C TYR A 118 -8.36 15.77 1.01
N ASP A 119 -7.76 15.71 -0.18
CA ASP A 119 -6.44 16.26 -0.44
C ASP A 119 -5.40 15.79 0.58
N GLY A 120 -5.47 14.51 0.93
CA GLY A 120 -4.50 13.95 1.87
C GLY A 120 -4.72 14.13 3.36
N LYS A 121 -5.79 14.80 3.77
CA LYS A 121 -6.10 15.00 5.19
C LYS A 121 -7.41 14.30 5.50
N ASP A 122 -7.63 13.96 6.77
CA ASP A 122 -8.87 13.32 7.16
C ASP A 122 -10.01 14.32 7.03
N TYR A 123 -11.08 13.89 6.39
CA TYR A 123 -12.27 14.70 6.22
C TYR A 123 -13.23 14.24 7.32
N ILE A 124 -13.72 13.00 7.24
CA ILE A 124 -14.66 12.46 8.23
C ILE A 124 -14.44 10.94 8.33
N ALA A 125 -14.54 10.40 9.54
CA ALA A 125 -14.33 8.97 9.76
C ALA A 125 -15.37 8.38 10.71
N LEU A 126 -15.78 7.15 10.43
CA LEU A 126 -16.78 6.47 11.26
C LEU A 126 -16.12 6.08 12.57
N LYS A 127 -16.71 6.45 13.70
CA LYS A 127 -16.15 6.10 15.01
C LYS A 127 -16.18 4.60 15.24
N GLU A 128 -15.25 4.12 16.04
CA GLU A 128 -15.18 2.69 16.34
C GLU A 128 -16.58 2.16 16.71
N ASP A 129 -17.37 2.98 17.38
CA ASP A 129 -18.71 2.59 17.79
C ASP A 129 -19.69 2.45 16.64
N LEU A 130 -19.19 2.58 15.41
CA LEU A 130 -20.01 2.44 14.21
C LEU A 130 -21.40 3.09 14.31
N ARG A 131 -21.49 4.15 15.10
CA ARG A 131 -22.73 4.87 15.33
C ARG A 131 -22.46 6.34 15.09
N SER A 132 -21.30 6.79 15.56
CA SER A 132 -20.86 8.17 15.44
C SER A 132 -19.80 8.40 14.34
N TRP A 133 -19.44 9.65 14.16
CA TRP A 133 -18.46 10.03 13.18
C TRP A 133 -17.52 11.07 13.77
N THR A 134 -16.35 11.19 13.16
CA THR A 134 -15.37 12.16 13.55
C THR A 134 -15.27 13.12 12.37
N ALA A 135 -15.74 14.33 12.58
CA ALA A 135 -15.71 15.36 11.57
C ALA A 135 -14.43 16.17 11.78
N ALA A 136 -13.71 16.48 10.70
CA ALA A 136 -12.46 17.25 10.76
C ALA A 136 -12.61 18.76 10.63
N ASP A 137 -13.13 19.23 9.49
CA ASP A 137 -13.31 20.67 9.32
C ASP A 137 -14.71 21.00 9.76
N MET A 138 -15.07 22.27 9.59
CA MET A 138 -16.40 22.78 9.88
C MET A 138 -17.22 22.25 8.68
N ALA A 139 -16.55 22.15 7.53
CA ALA A 139 -17.15 21.64 6.32
C ALA A 139 -17.43 20.19 6.57
N ALA A 140 -16.46 19.47 7.14
CA ALA A 140 -16.62 18.04 7.46
C ALA A 140 -17.79 17.80 8.38
N GLN A 141 -18.18 18.82 9.14
CA GLN A 141 -19.31 18.70 10.04
C GLN A 141 -20.61 18.74 9.27
N THR A 142 -20.61 19.44 8.14
CA THR A 142 -21.77 19.54 7.27
C THR A 142 -22.13 18.09 6.96
N THR A 143 -21.16 17.38 6.38
CA THR A 143 -21.28 15.98 6.00
C THR A 143 -21.65 15.09 7.16
N LYS A 144 -21.18 15.44 8.35
CA LYS A 144 -21.47 14.65 9.53
C LYS A 144 -22.92 14.84 9.96
N HIS A 145 -23.32 16.10 10.10
CA HIS A 145 -24.68 16.41 10.48
C HIS A 145 -25.55 15.66 9.47
N LYS A 146 -25.43 16.02 8.19
CA LYS A 146 -26.22 15.38 7.16
C LYS A 146 -26.25 13.88 7.37
N TRP A 147 -25.09 13.24 7.36
CA TRP A 147 -25.04 11.78 7.56
C TRP A 147 -25.74 11.28 8.81
N GLU A 148 -25.74 12.08 9.87
CA GLU A 148 -26.39 11.68 11.11
C GLU A 148 -27.91 11.72 10.98
N ALA A 149 -28.40 12.64 10.15
CA ALA A 149 -29.85 12.76 9.95
C ALA A 149 -30.38 11.58 9.17
N ALA A 150 -29.57 11.12 8.22
CA ALA A 150 -29.96 10.02 7.37
C ALA A 150 -29.71 8.65 8.00
N HIS A 151 -28.93 8.61 9.07
CA HIS A 151 -28.60 7.35 9.75
C HIS A 151 -27.74 6.47 8.82
N VAL A 152 -26.84 7.12 8.09
CA VAL A 152 -25.95 6.42 7.19
C VAL A 152 -25.06 5.53 8.05
N ALA A 153 -24.61 6.09 9.16
CA ALA A 153 -23.73 5.39 10.09
C ALA A 153 -24.20 3.99 10.44
N GLU A 154 -25.50 3.84 10.69
CA GLU A 154 -26.10 2.56 11.07
C GLU A 154 -26.35 1.63 9.90
N GLN A 155 -26.26 2.16 8.69
CA GLN A 155 -26.46 1.36 7.48
C GLN A 155 -25.12 0.70 7.12
N LEU A 156 -24.04 1.34 7.55
CA LEU A 156 -22.70 0.83 7.32
C LEU A 156 -22.45 -0.24 8.34
N ARG A 157 -22.77 0.07 9.59
CA ARG A 157 -22.57 -0.87 10.68
C ARG A 157 -23.06 -2.25 10.25
N ALA A 158 -24.15 -2.30 9.51
CA ALA A 158 -24.72 -3.56 9.04
C ALA A 158 -23.79 -4.26 8.07
N TYR A 159 -22.99 -3.49 7.36
CA TYR A 159 -22.01 -4.03 6.41
C TYR A 159 -20.72 -4.55 7.05
N LEU A 160 -20.08 -3.70 7.83
CA LEU A 160 -18.81 -4.05 8.48
C LEU A 160 -19.01 -5.26 9.33
N GLU A 161 -20.08 -5.21 10.10
CA GLU A 161 -20.41 -6.28 11.04
C GLU A 161 -21.00 -7.51 10.39
N GLY A 162 -21.75 -7.30 9.32
CA GLY A 162 -22.39 -8.42 8.65
C GLY A 162 -21.73 -8.91 7.40
N THR A 163 -22.28 -8.49 6.26
CA THR A 163 -21.81 -8.91 4.95
C THR A 163 -20.31 -8.83 4.66
N CYS A 164 -19.59 -7.96 5.36
CA CYS A 164 -18.16 -7.79 5.16
C CYS A 164 -17.40 -8.99 5.71
N VAL A 165 -17.61 -9.31 6.98
CA VAL A 165 -16.94 -10.45 7.65
C VAL A 165 -17.39 -11.78 7.02
N GLU A 166 -18.62 -11.85 6.54
CA GLU A 166 -19.08 -13.05 5.89
C GLU A 166 -18.22 -13.27 4.67
N TRP A 167 -18.28 -12.32 3.74
CA TRP A 167 -17.51 -12.38 2.51
C TRP A 167 -16.02 -12.52 2.79
N LEU A 168 -15.57 -12.08 3.96
CA LEU A 168 -14.15 -12.20 4.33
C LEU A 168 -13.86 -13.65 4.72
N ARG A 169 -14.68 -14.23 5.57
CA ARG A 169 -14.51 -15.62 5.99
C ARG A 169 -14.55 -16.47 4.71
N ARG A 170 -15.45 -16.11 3.79
CA ARG A 170 -15.58 -16.84 2.54
C ARG A 170 -14.33 -16.70 1.69
N TYR A 171 -13.65 -15.56 1.78
CA TYR A 171 -12.44 -15.35 1.00
C TYR A 171 -11.29 -16.18 1.56
N LEU A 172 -11.15 -16.15 2.88
CA LEU A 172 -10.08 -16.89 3.58
C LEU A 172 -10.13 -18.38 3.28
N GLU A 173 -11.32 -18.98 3.31
CA GLU A 173 -11.45 -20.41 3.02
C GLU A 173 -11.18 -20.68 1.54
N ASN A 174 -11.90 -19.98 0.67
CA ASN A 174 -11.78 -20.15 -0.78
C ASN A 174 -10.35 -19.99 -1.28
N GLY A 175 -9.56 -19.18 -0.58
CA GLY A 175 -8.19 -18.96 -0.99
C GLY A 175 -7.18 -19.35 0.08
N LYS A 176 -7.68 -20.13 1.05
CA LYS A 176 -6.94 -20.64 2.19
C LYS A 176 -5.46 -20.90 1.98
N GLU A 177 -5.17 -21.74 1.01
CA GLU A 177 -3.82 -22.12 0.67
C GLU A 177 -2.82 -20.97 0.48
N THR A 178 -3.28 -19.75 0.24
CA THR A 178 -2.37 -18.60 0.10
C THR A 178 -2.57 -17.59 1.21
N LEU A 179 -3.81 -17.40 1.61
CA LEU A 179 -4.15 -16.44 2.64
C LEU A 179 -3.78 -16.93 4.04
N GLN A 180 -4.20 -18.15 4.37
CA GLN A 180 -3.98 -18.78 5.66
C GLN A 180 -2.58 -19.37 5.81
N ARG A 181 -1.63 -18.85 5.05
CA ARG A 181 -0.28 -19.34 5.14
C ARG A 181 0.64 -18.25 5.67
N THR A 182 1.72 -18.67 6.30
CA THR A 182 2.67 -17.75 6.86
C THR A 182 4.03 -18.08 6.29
N ASP A 183 4.95 -17.13 6.41
CA ASP A 183 6.31 -17.31 5.92
C ASP A 183 7.32 -16.59 6.84
N ALA A 184 8.12 -17.41 7.51
CA ALA A 184 9.13 -16.92 8.42
C ALA A 184 10.14 -16.14 7.62
N PRO A 185 10.56 -14.99 8.16
CA PRO A 185 11.53 -14.16 7.46
C PRO A 185 12.89 -14.82 7.26
N LYS A 186 13.37 -14.76 6.02
CA LYS A 186 14.69 -15.27 5.66
C LYS A 186 15.67 -14.12 5.93
N THR A 187 16.24 -14.15 7.12
CA THR A 187 17.18 -13.13 7.60
C THR A 187 18.67 -13.26 7.31
N HIS A 188 19.39 -12.16 7.48
CA HIS A 188 20.83 -12.14 7.29
C HIS A 188 21.37 -10.76 7.62
N MET A 189 22.69 -10.63 7.66
CA MET A 189 23.32 -9.34 7.97
C MET A 189 24.48 -9.01 7.03
N THR A 190 24.84 -7.74 6.93
CA THR A 190 25.96 -7.35 6.08
C THR A 190 26.80 -6.33 6.82
N HIS A 191 27.99 -6.07 6.30
CA HIS A 191 28.88 -5.10 6.92
C HIS A 191 29.43 -4.21 5.84
N HIS A 192 29.04 -2.94 5.89
CA HIS A 192 29.53 -1.99 4.93
C HIS A 192 30.20 -0.97 5.82
N ALA A 193 31.13 -0.20 5.29
CA ALA A 193 31.79 0.80 6.10
C ALA A 193 31.51 2.15 5.51
N VAL A 194 31.35 3.12 6.39
CA VAL A 194 31.10 4.48 5.95
C VAL A 194 32.49 5.11 5.70
N SER A 195 33.33 5.05 6.72
CA SER A 195 34.68 5.60 6.65
C SER A 195 35.72 4.60 7.19
N ASP A 196 36.81 5.14 7.71
CA ASP A 196 37.87 4.32 8.27
C ASP A 196 37.78 4.32 9.79
N HIS A 197 36.57 4.42 10.29
CA HIS A 197 36.32 4.43 11.74
C HIS A 197 34.83 4.26 12.02
N GLU A 198 34.11 3.88 10.96
CA GLU A 198 32.67 3.66 11.01
C GLU A 198 32.22 2.69 9.92
N ALA A 199 31.26 1.84 10.27
CA ALA A 199 30.72 0.86 9.35
C ALA A 199 29.21 0.76 9.55
N THR A 200 28.48 0.46 8.48
CA THR A 200 27.03 0.33 8.51
C THR A 200 26.72 -1.16 8.57
N LEU A 201 26.25 -1.60 9.74
CA LEU A 201 25.86 -2.99 9.97
C LEU A 201 24.41 -2.99 9.60
N ARG A 202 24.03 -3.86 8.67
CA ARG A 202 22.65 -3.89 8.22
C ARG A 202 22.06 -5.25 8.41
N CYS A 203 20.79 -5.29 8.85
CA CYS A 203 20.05 -6.51 9.11
C CYS A 203 18.84 -6.67 8.19
N TRP A 204 18.77 -7.81 7.51
CA TRP A 204 17.69 -8.10 6.57
C TRP A 204 16.67 -9.17 6.92
N ALA A 205 15.41 -8.88 6.61
CA ALA A 205 14.30 -9.82 6.80
C ALA A 205 13.63 -9.89 5.42
N LEU A 206 13.82 -11.01 4.72
CA LEU A 206 13.26 -11.20 3.39
C LEU A 206 12.28 -12.36 3.28
N SER A 207 11.59 -12.43 2.15
CA SER A 207 10.60 -13.48 1.88
C SER A 207 9.57 -13.84 2.96
N PHE A 208 9.22 -12.91 3.82
CA PHE A 208 8.25 -13.21 4.85
C PHE A 208 6.85 -12.84 4.42
N TYR A 209 5.87 -13.40 5.13
CA TYR A 209 4.43 -13.17 4.93
C TYR A 209 3.78 -13.60 6.24
N PRO A 210 2.87 -12.78 6.80
CA PRO A 210 2.38 -11.47 6.39
C PRO A 210 3.45 -10.39 6.51
N ALA A 211 3.09 -9.14 6.21
CA ALA A 211 4.04 -8.03 6.27
C ALA A 211 4.47 -7.51 7.64
N GLU A 212 3.71 -7.81 8.69
CA GLU A 212 4.06 -7.32 10.03
C GLU A 212 5.31 -8.00 10.51
N ILE A 213 6.28 -7.21 10.96
CA ILE A 213 7.54 -7.76 11.41
C ILE A 213 8.22 -6.67 12.25
N THR A 214 9.12 -7.07 13.14
CA THR A 214 9.81 -6.11 14.00
C THR A 214 11.32 -6.26 13.94
N LEU A 215 11.98 -5.33 13.25
CA LEU A 215 13.44 -5.35 13.13
C LEU A 215 14.02 -4.45 14.22
N THR A 216 14.83 -5.02 15.11
CA THR A 216 15.38 -4.26 16.22
C THR A 216 16.86 -4.44 16.50
N TRP A 217 17.57 -3.32 16.64
CA TRP A 217 19.00 -3.27 16.94
C TRP A 217 19.26 -2.98 18.41
N GLN A 218 20.47 -3.29 18.89
CA GLN A 218 20.88 -3.03 20.28
C GLN A 218 22.37 -3.29 20.63
N ARG A 219 23.03 -2.23 21.10
CA ARG A 219 24.45 -2.23 21.53
C ARG A 219 24.55 -2.93 22.90
N GLN A 226 17.81 4.36 18.91
CA GLN A 226 18.79 5.47 19.00
C GLN A 226 19.86 5.25 17.93
N ASP A 227 19.76 5.95 16.81
CA ASP A 227 20.71 5.83 15.72
C ASP A 227 20.43 4.53 15.00
N THR A 228 19.26 4.46 14.37
CA THR A 228 18.87 3.27 13.65
C THR A 228 18.03 3.67 12.45
N GLU A 229 18.43 3.23 11.26
CA GLU A 229 17.66 3.50 10.08
C GLU A 229 16.79 2.26 9.93
N LEU A 230 15.53 2.47 9.60
CA LEU A 230 14.54 1.41 9.41
C LEU A 230 13.84 1.81 8.11
N VAL A 231 13.76 0.93 7.13
CA VAL A 231 13.09 1.30 5.89
C VAL A 231 11.75 0.62 5.93
N GLU A 232 10.74 1.20 5.28
CA GLU A 232 9.40 0.63 5.32
C GLU A 232 9.23 -0.68 4.55
N THR A 233 8.64 -1.65 5.24
CA THR A 233 8.43 -2.98 4.68
C THR A 233 8.00 -2.83 3.22
N ARG A 234 8.76 -3.42 2.32
CA ARG A 234 8.44 -3.32 0.90
C ARG A 234 8.06 -4.72 0.40
N PRO A 235 7.23 -4.82 -0.67
CA PRO A 235 6.87 -6.14 -1.16
C PRO A 235 7.85 -6.63 -2.22
N ALA A 236 8.20 -7.90 -2.17
CA ALA A 236 9.14 -8.41 -3.17
C ALA A 236 8.47 -8.55 -4.53
N GLY A 237 7.15 -8.72 -4.53
CA GLY A 237 6.46 -8.88 -5.78
C GLY A 237 5.97 -10.31 -5.99
N ASP A 238 6.24 -11.21 -5.04
CA ASP A 238 5.79 -12.59 -5.17
C ASP A 238 4.98 -13.03 -3.96
N GLY A 239 4.36 -12.07 -3.28
CA GLY A 239 3.54 -12.36 -2.12
C GLY A 239 4.25 -12.15 -0.79
N THR A 240 5.57 -12.22 -0.80
CA THR A 240 6.37 -12.06 0.40
C THR A 240 6.82 -10.63 0.47
N PHE A 241 7.23 -10.21 1.65
CA PHE A 241 7.67 -8.85 1.90
C PHE A 241 9.11 -8.84 2.39
N GLN A 242 9.78 -7.70 2.22
CA GLN A 242 11.15 -7.46 2.65
C GLN A 242 11.22 -6.17 3.51
N LYS A 243 12.29 -6.04 4.28
CA LYS A 243 12.55 -4.87 5.11
C LYS A 243 13.92 -5.09 5.71
N TRP A 244 14.65 -4.00 5.90
CA TRP A 244 15.96 -4.08 6.51
C TRP A 244 16.17 -2.94 7.48
N ALA A 245 17.04 -3.14 8.47
CA ALA A 245 17.36 -2.12 9.48
C ALA A 245 18.87 -1.96 9.54
N ALA A 246 19.36 -0.74 9.71
CA ALA A 246 20.79 -0.51 9.75
C ALA A 246 21.29 0.33 10.93
N VAL A 247 22.54 0.11 11.33
CA VAL A 247 23.14 0.86 12.42
C VAL A 247 24.61 1.09 12.14
N VAL A 248 25.02 2.37 12.18
CA VAL A 248 26.39 2.79 11.93
C VAL A 248 27.18 2.48 13.20
N VAL A 249 27.82 1.33 13.16
CA VAL A 249 28.63 0.81 14.26
C VAL A 249 30.06 1.31 14.17
N PRO A 250 30.60 1.75 15.32
CA PRO A 250 31.99 2.25 15.41
C PRO A 250 32.93 1.11 15.00
N SER A 251 34.24 1.29 15.11
CA SER A 251 35.09 0.23 14.60
C SER A 251 35.55 -0.89 15.51
N GLY A 252 35.43 -2.10 14.98
CA GLY A 252 35.82 -3.28 15.71
C GLY A 252 34.84 -3.44 16.86
N GLN A 253 33.68 -2.80 16.70
CA GLN A 253 32.67 -2.84 17.73
C GLN A 253 31.40 -3.58 17.30
N GLU A 254 31.46 -4.25 16.15
CA GLU A 254 30.34 -5.00 15.58
C GLU A 254 29.78 -6.20 16.39
N GLN A 255 30.59 -6.72 17.32
CA GLN A 255 30.18 -7.86 18.15
C GLN A 255 29.17 -7.42 19.21
N ARG A 256 29.24 -6.16 19.61
CA ARG A 256 28.31 -5.67 20.62
C ARG A 256 26.98 -5.19 20.03
N TYR A 257 26.71 -5.58 18.79
CA TYR A 257 25.46 -5.20 18.15
C TYR A 257 24.67 -6.42 17.74
N THR A 258 23.43 -6.47 18.18
CA THR A 258 22.57 -7.57 17.85
C THR A 258 21.30 -7.08 17.16
N CYS A 259 20.94 -7.79 16.11
CA CYS A 259 19.74 -7.50 15.38
C CYS A 259 18.71 -8.52 15.86
N HIS A 260 17.45 -8.13 15.90
CA HIS A 260 16.43 -9.04 16.38
C HIS A 260 15.25 -9.03 15.44
N VAL A 261 14.75 -10.22 15.12
CA VAL A 261 13.63 -10.35 14.21
C VAL A 261 12.41 -10.88 14.93
N GLN A 262 11.26 -10.27 14.68
CA GLN A 262 10.02 -10.75 15.30
C GLN A 262 8.99 -10.91 14.18
N HIS A 263 8.38 -12.09 14.12
CA HIS A 263 7.42 -12.38 13.08
C HIS A 263 6.56 -13.57 13.47
N GLU A 264 5.33 -13.53 12.97
CA GLU A 264 4.31 -14.55 13.14
C GLU A 264 4.91 -15.91 12.82
N GLY A 265 5.82 -15.95 11.85
CA GLY A 265 6.44 -17.21 11.46
C GLY A 265 7.63 -17.71 12.26
N LEU A 266 8.09 -16.89 13.19
CA LEU A 266 9.22 -17.25 14.04
C LEU A 266 8.65 -17.44 15.43
N PRO A 267 8.56 -18.71 15.90
CA PRO A 267 8.02 -19.02 17.24
C PRO A 267 8.85 -18.24 18.25
N LYS A 268 10.16 -18.42 18.12
CA LYS A 268 11.10 -17.75 18.97
C LYS A 268 11.86 -16.84 18.02
N PRO A 269 12.09 -15.57 18.41
CA PRO A 269 12.80 -14.57 17.63
C PRO A 269 14.17 -15.04 17.19
N LEU A 270 14.75 -14.29 16.24
CA LEU A 270 16.06 -14.56 15.72
C LEU A 270 16.93 -13.42 16.19
N THR A 271 18.05 -13.76 16.84
CA THR A 271 18.98 -12.75 17.29
C THR A 271 20.23 -13.04 16.50
N LEU A 272 20.52 -12.20 15.51
CA LEU A 272 21.69 -12.42 14.70
C LEU A 272 22.72 -11.33 14.93
N ARG A 273 23.95 -11.77 15.16
CA ARG A 273 25.10 -10.91 15.45
C ARG A 273 26.14 -11.09 14.38
N TRP A 274 26.90 -10.02 14.08
CA TRP A 274 27.96 -10.03 13.08
C TRP A 274 29.17 -10.81 13.58
N GLU A 275 29.18 -12.10 13.28
CA GLU A 275 30.23 -13.00 13.70
C GLU A 275 30.47 -14.03 12.60
N MET B 1 -3.76 22.01 -0.28
CA MET B 1 -3.60 20.61 0.20
C MET B 1 -2.21 20.21 0.67
N ILE B 2 -2.11 19.02 1.24
CA ILE B 2 -0.84 18.51 1.75
C ILE B 2 0.00 17.73 0.71
N GLN B 3 1.23 18.20 0.49
CA GLN B 3 2.19 17.59 -0.45
C GLN B 3 3.20 16.71 0.30
N ARG B 4 3.56 15.55 -0.25
CA ARG B 4 4.54 14.66 0.37
C ARG B 4 5.49 14.04 -0.69
N THR B 5 6.81 14.15 -0.54
CA THR B 5 7.69 13.52 -1.53
C THR B 5 7.65 12.01 -1.39
N PRO B 6 7.79 11.28 -2.50
CA PRO B 6 7.79 9.82 -2.47
C PRO B 6 9.10 9.37 -1.87
N LYS B 7 9.11 8.17 -1.32
CA LYS B 7 10.32 7.55 -0.76
C LYS B 7 10.55 6.49 -1.82
N ILE B 8 11.76 6.35 -2.32
CA ILE B 8 12.04 5.38 -3.37
C ILE B 8 12.94 4.25 -2.96
N GLN B 9 12.55 3.00 -3.27
CA GLN B 9 13.33 1.79 -2.97
C GLN B 9 13.52 0.88 -4.21
N VAL B 10 14.73 0.89 -4.79
CA VAL B 10 15.05 0.09 -5.98
C VAL B 10 15.74 -1.18 -5.54
N TYR B 11 15.08 -2.31 -5.76
CA TYR B 11 15.59 -3.61 -5.33
C TYR B 11 15.09 -4.74 -6.22
N SER B 12 15.63 -5.94 -6.04
CA SER B 12 15.21 -7.08 -6.85
C SER B 12 14.33 -8.02 -6.08
N ARG B 13 13.47 -8.73 -6.80
CA ARG B 13 12.55 -9.66 -6.16
C ARG B 13 13.30 -10.65 -5.30
N HIS B 14 14.30 -11.30 -5.91
CA HIS B 14 15.13 -12.30 -5.25
C HIS B 14 16.54 -11.74 -5.23
N PRO B 15 17.44 -12.31 -4.41
CA PRO B 15 18.81 -11.79 -4.37
C PRO B 15 19.50 -11.78 -5.72
N ALA B 16 20.10 -10.65 -6.07
CA ALA B 16 20.79 -10.47 -7.35
C ALA B 16 21.92 -11.47 -7.66
N GLU B 17 21.72 -12.24 -8.72
CA GLU B 17 22.66 -13.25 -9.21
C GLU B 17 22.80 -13.00 -10.69
N ASN B 18 23.94 -12.47 -11.11
CA ASN B 18 24.16 -12.18 -12.52
C ASN B 18 23.82 -13.41 -13.36
N GLY B 19 23.23 -13.21 -14.52
CA GLY B 19 22.91 -14.36 -15.36
C GLY B 19 21.57 -15.00 -15.04
N LYS B 20 20.99 -14.66 -13.89
CA LYS B 20 19.70 -15.24 -13.54
C LYS B 20 18.58 -14.24 -13.70
N SER B 21 17.47 -14.70 -14.29
CA SER B 21 16.31 -13.85 -14.46
C SER B 21 15.75 -13.56 -13.07
N ASN B 22 15.35 -12.33 -12.89
CA ASN B 22 14.86 -11.85 -11.63
C ASN B 22 14.04 -10.66 -12.05
N PHE B 23 13.46 -9.95 -11.09
CA PHE B 23 12.66 -8.77 -11.39
C PHE B 23 13.24 -7.61 -10.62
N LEU B 24 13.33 -6.46 -11.26
CA LEU B 24 13.84 -5.24 -10.64
C LEU B 24 12.60 -4.50 -10.17
N ASN B 25 12.63 -3.99 -8.96
CA ASN B 25 11.48 -3.31 -8.42
C ASN B 25 11.81 -1.90 -8.02
N CYS B 26 10.75 -1.08 -7.94
CA CYS B 26 10.83 0.31 -7.51
C CYS B 26 9.54 0.55 -6.76
N TYR B 27 9.60 0.45 -5.43
CA TYR B 27 8.42 0.68 -4.63
C TYR B 27 8.50 2.11 -4.14
N VAL B 28 7.80 3.00 -4.85
CA VAL B 28 7.74 4.40 -4.47
C VAL B 28 6.56 4.46 -3.47
N SER B 29 6.73 5.09 -2.31
CA SER B 29 5.65 5.17 -1.34
C SER B 29 5.66 6.43 -0.49
N GLY B 30 4.58 6.62 0.27
CA GLY B 30 4.45 7.78 1.16
C GLY B 30 4.35 9.14 0.47
N PHE B 31 3.93 9.13 -0.79
CA PHE B 31 3.83 10.37 -1.51
C PHE B 31 2.41 10.84 -1.66
N HIS B 32 2.28 12.12 -1.93
CA HIS B 32 0.98 12.73 -2.14
C HIS B 32 1.27 14.03 -2.89
N PRO B 33 0.53 14.33 -3.98
CA PRO B 33 -0.54 13.61 -4.69
C PRO B 33 -0.19 12.36 -5.45
N SER B 34 -1.21 11.74 -6.05
CA SER B 34 -1.07 10.51 -6.82
C SER B 34 -0.29 10.59 -8.14
N ASP B 35 -0.44 11.70 -8.87
CA ASP B 35 0.25 11.88 -10.15
C ASP B 35 1.74 11.76 -9.91
N ILE B 36 2.35 10.73 -10.50
CA ILE B 36 3.79 10.49 -10.35
C ILE B 36 4.32 9.71 -11.55
N GLU B 37 5.55 9.98 -11.95
CA GLU B 37 6.11 9.29 -13.09
C GLU B 37 7.23 8.41 -12.62
N VAL B 38 7.13 7.12 -12.88
CA VAL B 38 8.17 6.21 -12.46
C VAL B 38 8.56 5.37 -13.65
N ASP B 39 9.86 5.28 -13.87
CA ASP B 39 10.39 4.50 -14.96
C ASP B 39 11.61 3.83 -14.38
N LEU B 40 11.89 2.61 -14.83
CA LEU B 40 13.07 1.89 -14.40
C LEU B 40 14.05 2.13 -15.54
N LEU B 41 15.30 2.48 -15.23
CA LEU B 41 16.33 2.74 -16.24
C LEU B 41 17.44 1.66 -16.27
N LYS B 42 17.91 1.35 -17.47
CA LYS B 42 19.02 0.41 -17.69
C LYS B 42 20.13 1.16 -18.42
N ASN B 43 21.24 1.39 -17.73
CA ASN B 43 22.38 2.11 -18.32
C ASN B 43 21.93 3.44 -18.87
N GLY B 44 21.00 4.06 -18.15
CA GLY B 44 20.50 5.37 -18.52
C GLY B 44 19.22 5.35 -19.31
N GLU B 45 19.06 4.38 -20.20
CA GLU B 45 17.87 4.28 -21.01
C GLU B 45 16.66 3.79 -20.22
N ARG B 46 15.50 4.21 -20.71
CA ARG B 46 14.18 3.90 -20.19
C ARG B 46 13.89 2.43 -20.50
N ILE B 47 13.21 1.76 -19.58
CA ILE B 47 12.81 0.38 -19.78
C ILE B 47 11.30 0.40 -20.06
N GLU B 48 10.94 -0.09 -21.23
CA GLU B 48 9.57 -0.10 -21.71
C GLU B 48 8.66 -1.12 -21.06
N LYS B 49 9.08 -2.39 -21.04
CA LYS B 49 8.24 -3.45 -20.47
C LYS B 49 8.36 -3.52 -18.94
N VAL B 50 7.69 -2.58 -18.29
CA VAL B 50 7.64 -2.47 -16.83
C VAL B 50 6.18 -2.65 -16.53
N GLU B 51 5.87 -3.00 -15.29
CA GLU B 51 4.49 -3.17 -14.85
C GLU B 51 4.35 -2.55 -13.48
N HIS B 52 3.13 -2.24 -13.07
CA HIS B 52 2.99 -1.64 -11.77
C HIS B 52 1.72 -1.97 -11.09
N SER B 53 1.80 -1.99 -9.78
CA SER B 53 0.67 -2.31 -8.94
C SER B 53 -0.36 -1.22 -9.16
N ASP B 54 -1.59 -1.50 -8.71
CA ASP B 54 -2.68 -0.57 -8.83
C ASP B 54 -2.44 0.43 -7.70
N LEU B 55 -2.98 1.63 -7.83
CA LEU B 55 -2.83 2.65 -6.80
C LEU B 55 -3.59 2.23 -5.53
N SER B 56 -2.87 2.30 -4.41
CA SER B 56 -3.42 1.99 -3.10
C SER B 56 -2.71 3.01 -2.20
N PHE B 57 -3.24 3.22 -1.00
CA PHE B 57 -2.67 4.21 -0.08
C PHE B 57 -2.63 3.68 1.33
N SER B 58 -1.75 4.24 2.13
CA SER B 58 -1.58 3.81 3.51
C SER B 58 -2.51 4.48 4.51
N LYS B 59 -2.31 4.15 5.79
CA LYS B 59 -3.10 4.70 6.89
C LYS B 59 -3.03 6.21 6.97
N ASP B 60 -1.94 6.80 6.48
CA ASP B 60 -1.85 8.23 6.51
C ASP B 60 -2.22 8.88 5.20
N TRP B 61 -2.93 8.15 4.36
CA TRP B 61 -3.43 8.63 3.06
C TRP B 61 -2.38 8.87 1.99
N SER B 62 -1.14 8.53 2.28
CA SER B 62 -0.04 8.69 1.34
C SER B 62 -0.13 7.48 0.42
N PHE B 63 0.13 7.65 -0.88
CA PHE B 63 0.05 6.55 -1.85
C PHE B 63 1.26 5.65 -1.90
N TYR B 64 1.14 4.53 -2.61
CA TYR B 64 2.27 3.62 -2.79
C TYR B 64 2.07 2.79 -4.05
N LEU B 65 3.17 2.52 -4.76
CA LEU B 65 3.12 1.77 -6.01
C LEU B 65 4.41 1.06 -6.20
N LEU B 66 4.35 -0.06 -6.94
CA LEU B 66 5.48 -0.93 -7.21
C LEU B 66 5.67 -1.16 -8.72
N TYR B 67 6.79 -0.68 -9.23
CA TYR B 67 7.14 -0.78 -10.63
C TYR B 67 8.19 -1.88 -10.85
N TYR B 68 7.75 -3.04 -11.32
CA TYR B 68 8.64 -4.16 -11.57
C TYR B 68 8.93 -4.41 -13.04
N THR B 69 10.09 -5.01 -13.30
CA THR B 69 10.51 -5.33 -14.65
C THR B 69 11.29 -6.62 -14.53
N GLU B 70 11.20 -7.45 -15.56
CA GLU B 70 11.91 -8.71 -15.56
C GLU B 70 13.28 -8.43 -16.14
N PHE B 71 14.34 -8.74 -15.40
CA PHE B 71 15.71 -8.49 -15.85
C PHE B 71 16.66 -9.60 -15.35
N THR B 72 17.61 -9.97 -16.20
CA THR B 72 18.59 -10.97 -15.83
C THR B 72 19.85 -10.15 -15.54
N PRO B 73 20.07 -9.84 -14.26
CA PRO B 73 21.25 -9.05 -13.92
C PRO B 73 22.57 -9.47 -14.56
N THR B 74 23.39 -8.47 -14.85
CA THR B 74 24.70 -8.60 -15.45
C THR B 74 25.59 -7.77 -14.51
N GLU B 75 26.90 -8.01 -14.48
CA GLU B 75 27.73 -7.22 -13.56
C GLU B 75 28.07 -5.82 -14.03
N LYS B 76 28.12 -5.58 -15.34
CA LYS B 76 28.43 -4.25 -15.81
C LYS B 76 27.20 -3.35 -16.05
N ASP B 77 26.06 -3.95 -16.38
CA ASP B 77 24.83 -3.16 -16.63
C ASP B 77 24.38 -2.42 -15.36
N GLU B 78 24.34 -1.10 -15.41
CA GLU B 78 23.89 -0.28 -14.28
C GLU B 78 22.37 -0.12 -14.40
N TYR B 79 21.66 -0.12 -13.28
CA TYR B 79 20.22 -0.01 -13.29
C TYR B 79 19.76 1.06 -12.34
N ALA B 80 18.65 1.72 -12.65
CA ALA B 80 18.15 2.78 -11.80
C ALA B 80 16.63 2.88 -11.89
N CYS B 81 16.05 3.75 -11.06
CA CYS B 81 14.61 3.99 -11.02
C CYS B 81 14.45 5.49 -11.04
N ARG B 82 13.88 6.03 -12.10
CA ARG B 82 13.72 7.48 -12.18
C ARG B 82 12.32 7.85 -11.80
N VAL B 83 12.19 8.76 -10.85
CA VAL B 83 10.90 9.18 -10.35
C VAL B 83 10.76 10.71 -10.39
N ASN B 84 9.57 11.19 -10.73
CA ASN B 84 9.24 12.63 -10.78
C ASN B 84 7.86 12.83 -10.13
N HIS B 85 7.74 13.85 -9.30
CA HIS B 85 6.53 14.15 -8.55
C HIS B 85 6.45 15.67 -8.33
N VAL B 86 5.25 16.24 -8.22
CA VAL B 86 5.12 17.69 -8.02
C VAL B 86 5.96 18.25 -6.87
N THR B 87 6.60 17.36 -6.11
CA THR B 87 7.41 17.73 -4.96
C THR B 87 8.92 17.61 -5.21
N LEU B 88 9.33 17.43 -6.48
CA LEU B 88 10.74 17.29 -6.83
C LEU B 88 11.08 18.34 -7.86
N SER B 89 12.12 19.12 -7.61
CA SER B 89 12.56 20.15 -8.57
C SER B 89 13.13 19.47 -9.82
N GLN B 90 13.58 18.22 -9.68
CA GLN B 90 14.13 17.43 -10.77
C GLN B 90 13.78 15.98 -10.46
N PRO B 91 13.67 15.12 -11.48
CA PRO B 91 13.35 13.70 -11.30
C PRO B 91 14.41 12.91 -10.51
N LYS B 92 14.09 12.58 -9.27
CA LYS B 92 15.00 11.85 -8.41
C LYS B 92 15.35 10.50 -9.03
N ILE B 93 16.60 10.28 -9.40
CA ILE B 93 17.01 8.99 -9.98
C ILE B 93 17.82 8.27 -8.91
N VAL B 94 17.33 7.13 -8.46
CA VAL B 94 18.04 6.37 -7.43
C VAL B 94 18.66 5.18 -8.14
N LYS B 95 19.94 4.92 -7.89
CA LYS B 95 20.60 3.80 -8.54
C LYS B 95 20.31 2.53 -7.78
N TRP B 96 20.14 1.44 -8.51
CA TRP B 96 19.92 0.15 -7.89
C TRP B 96 21.26 -0.30 -7.31
N ASP B 97 21.27 -0.59 -6.02
CA ASP B 97 22.47 -1.06 -5.35
C ASP B 97 22.07 -2.42 -4.81
N ARG B 98 22.75 -3.49 -5.23
CA ARG B 98 22.34 -4.81 -4.78
C ARG B 98 22.50 -5.15 -3.30
N ASP B 99 23.01 -4.22 -2.50
CA ASP B 99 23.18 -4.47 -1.08
C ASP B 99 22.37 -3.48 -0.23
N MET B 100 21.40 -2.82 -0.88
CA MET B 100 20.51 -1.87 -0.23
C MET B 100 19.05 -2.17 -0.64
N GLY C 1 -17.89 -8.85 -1.17
CA GLY C 1 -16.93 -7.77 -1.59
C GLY C 1 -17.13 -6.36 -1.02
N ILE C 2 -17.66 -5.47 -1.87
CA ILE C 2 -17.88 -4.07 -1.48
C ILE C 2 -19.19 -3.75 -0.74
N LEU C 3 -19.59 -2.47 -0.77
CA LEU C 3 -20.80 -1.99 -0.09
C LEU C 3 -21.84 -1.73 -1.15
N VAL C 6 -22.26 3.35 -1.60
CA VAL C 6 -21.54 4.39 -0.81
C VAL C 6 -22.26 5.74 -0.93
N PHE C 7 -22.34 6.47 0.18
CA PHE C 7 -23.01 7.77 0.20
C PHE C 7 -22.09 8.92 -0.10
N THR C 8 -22.65 9.95 -0.72
CA THR C 8 -21.93 11.16 -1.11
C THR C 8 -21.46 11.98 0.08
N CDE C 9 -20.25 12.48 -0.03
CA CDE C 9 -19.63 13.31 0.98
CB CDE C 9 -18.22 12.83 1.28
CG1 CDE C 9 -17.26 14.00 1.35
CG2 CDE C 9 -18.24 12.13 2.58
C CDE C 9 -19.62 14.71 0.41
#